data_6MP9
#
_entry.id   6MP9
#
_cell.length_a   80.676
_cell.length_b   66.940
_cell.length_c   62.856
_cell.angle_alpha   90.000
_cell.angle_beta   109.120
_cell.angle_gamma   90.000
#
_symmetry.space_group_name_H-M   'C 1 2 1'
#
loop_
_entity.id
_entity.type
_entity.pdbx_description
1 polymer 'Alpha-ketoglutarate-dependent L-arginine hydroxylase'
2 non-polymer '5-carbamimidamido-2-oxopentanoic acid'
3 non-polymer 'SUCCINIC ACID'
4 non-polymer 'FE (II) ION'
5 water water
#
_entity_poly.entity_id   1
_entity_poly.type   'polypeptide(L)'
_entity_poly.pdbx_seq_one_letter_code
;RPWSEFRLTPAEAAAAAALAARCAQRYDETDGPEFLLDAPVIAHELPRRLRTFMARARLDAWPHALVVRGNPVDDAALGS
TPVHWRTARTPGSRPLSFLLMLYAGLLGDVFGWATQQDGRVVTDVLPIKGGEHTLVSSSSRQELGWHTEDAFSPYRADYV
GLLSLRNPDGVATTLAGVPLDDLDERTLDVLFQERFLIRPDDSHLQVNNSTAQQGRVEFEGIAQAADRPEPVAILTGHRA
APHLRVDGDFSAPAEGDEEAAAALGTLRKLIDASLYELVLDQGDVAFIDNRRAVHGRRAFQPRYDGRDRWLKRINITRDL
HRSRKAWAGDSRVLGQR
;
_entity_poly.pdbx_strand_id   A
#
loop_
_chem_comp.id
_chem_comp.type
_chem_comp.name
_chem_comp.formula
FE2 non-polymer 'FE (II) ION' 'Fe 2'
JX7 non-polymer '5-carbamimidamido-2-oxopentanoic acid' 'C6 H11 N3 O3'
SIN non-polymer 'SUCCINIC ACID' 'C4 H6 O4'
#
# COMPACT_ATOMS: atom_id res chain seq x y z
N ARG A 1 18.81 -9.36 -2.78
CA ARG A 1 17.71 -8.38 -3.09
C ARG A 1 17.42 -7.52 -1.86
N PRO A 2 16.94 -6.27 -2.06
CA PRO A 2 16.59 -5.40 -0.93
C PRO A 2 15.25 -5.73 -0.24
N TRP A 3 14.59 -6.80 -0.66
CA TRP A 3 13.37 -7.29 0.02
C TRP A 3 13.57 -8.73 0.46
N SER A 4 12.75 -9.18 1.40
CA SER A 4 12.78 -10.54 1.89
C SER A 4 11.73 -11.38 1.15
N GLU A 5 12.17 -12.51 0.58
CA GLU A 5 11.33 -13.32 -0.30
C GLU A 5 11.09 -14.74 0.20
N PHE A 6 9.85 -15.22 -0.01
CA PHE A 6 9.42 -16.55 0.38
C PHE A 6 8.65 -17.15 -0.80
N ARG A 7 8.94 -18.41 -1.14
CA ARG A 7 8.16 -19.11 -2.16
C ARG A 7 7.42 -20.30 -1.56
N LEU A 8 6.10 -20.26 -1.66
CA LEU A 8 5.26 -21.35 -1.21
C LEU A 8 5.49 -22.60 -2.06
N THR A 9 5.53 -23.76 -1.41
CA THR A 9 5.46 -25.02 -2.15
C THR A 9 4.02 -25.14 -2.65
N PRO A 10 3.81 -25.90 -3.74
CA PRO A 10 2.43 -26.11 -4.21
C PRO A 10 1.48 -26.60 -3.11
N ALA A 11 1.98 -27.46 -2.22
CA ALA A 11 1.18 -27.97 -1.10
C ALA A 11 0.81 -26.87 -0.10
N GLU A 12 1.79 -26.05 0.26
CA GLU A 12 1.55 -24.91 1.15
C GLU A 12 0.59 -23.91 0.52
N ALA A 13 0.77 -23.65 -0.77
CA ALA A 13 -0.09 -22.72 -1.50
C ALA A 13 -1.52 -23.26 -1.58
N ALA A 14 -1.65 -24.54 -1.88
CA ALA A 14 -2.96 -25.21 -1.91
C ALA A 14 -3.68 -25.13 -0.56
N ALA A 15 -2.94 -25.34 0.52
CA ALA A 15 -3.52 -25.30 1.87
C ALA A 15 -4.01 -23.89 2.22
N ALA A 16 -3.18 -22.89 1.90
CA ALA A 16 -3.56 -21.49 2.11
C ALA A 16 -4.81 -21.13 1.32
N ALA A 17 -4.83 -21.50 0.04
CA ALA A 17 -6.02 -21.28 -0.81
C ALA A 17 -7.27 -21.98 -0.25
N ALA A 18 -7.11 -23.21 0.23
CA ALA A 18 -8.21 -23.95 0.83
C ALA A 18 -8.76 -23.25 2.07
N LEU A 19 -7.85 -22.68 2.88
CA LEU A 19 -8.26 -21.94 4.07
C LEU A 19 -9.07 -20.70 3.69
N ALA A 20 -8.58 -19.95 2.71
CA ALA A 20 -9.27 -18.74 2.25
C ALA A 20 -10.64 -19.05 1.63
N ALA A 21 -10.73 -20.16 0.89
CA ALA A 21 -12.00 -20.62 0.35
C ALA A 21 -13.00 -20.94 1.45
N ARG A 22 -12.51 -21.59 2.50
CA ARG A 22 -13.31 -21.92 3.68
C ARG A 22 -13.87 -20.65 4.34
N CYS A 23 -13.03 -19.62 4.44
CA CYS A 23 -13.46 -18.30 4.95
C CYS A 23 -14.49 -17.64 4.03
N ALA A 24 -14.23 -17.69 2.72
CA ALA A 24 -15.16 -17.18 1.72
C ALA A 24 -16.52 -17.89 1.82
N GLN A 25 -16.48 -19.18 2.15
CA GLN A 25 -17.68 -19.98 2.37
C GLN A 25 -18.44 -19.56 3.64
N ARG A 26 -17.71 -19.27 4.72
CA ARG A 26 -18.32 -19.05 6.04
C ARG A 26 -18.70 -17.61 6.39
N TYR A 27 -18.07 -16.63 5.75
CA TYR A 27 -18.35 -15.22 6.05
C TYR A 27 -19.00 -14.52 4.86
N ASP A 28 -19.83 -13.51 5.14
CA ASP A 28 -20.51 -12.75 4.08
C ASP A 28 -19.57 -11.86 3.28
N GLU A 29 -18.66 -11.16 3.94
CA GLU A 29 -17.71 -10.27 3.25
C GLU A 29 -16.40 -10.12 4.01
N THR A 30 -15.34 -9.75 3.28
CA THR A 30 -14.02 -9.58 3.86
C THR A 30 -13.97 -8.41 4.83
N ASP A 31 -14.69 -7.35 4.50
CA ASP A 31 -14.68 -6.11 5.30
C ASP A 31 -15.73 -6.08 6.39
N GLY A 32 -16.52 -7.15 6.51
CA GLY A 32 -17.51 -7.22 7.58
C GLY A 32 -16.83 -7.23 8.92
N PRO A 33 -17.52 -6.74 9.97
CA PRO A 33 -16.87 -6.69 11.29
C PRO A 33 -16.47 -8.07 11.82
N GLU A 34 -17.19 -9.11 11.41
CA GLU A 34 -16.92 -10.46 11.90
C GLU A 34 -15.56 -10.96 11.43
N PHE A 35 -15.34 -10.93 10.11
CA PHE A 35 -14.09 -11.43 9.57
C PHE A 35 -12.89 -10.55 9.88
N LEU A 36 -13.11 -9.25 10.06
CA LEU A 36 -12.04 -8.36 10.51
C LEU A 36 -11.50 -8.82 11.87
N LEU A 37 -12.41 -9.20 12.76
CA LEU A 37 -12.02 -9.68 14.10
C LEU A 37 -11.38 -11.07 14.09
N ASP A 38 -11.88 -11.96 13.24
CA ASP A 38 -11.45 -13.36 13.23
C ASP A 38 -10.21 -13.64 12.40
N ALA A 39 -10.01 -12.87 11.33
CA ALA A 39 -8.93 -13.15 10.38
C ALA A 39 -7.56 -13.40 11.05
N PRO A 40 -7.17 -12.55 12.03
CA PRO A 40 -5.88 -12.76 12.68
C PRO A 40 -5.75 -14.10 13.42
N VAL A 41 -6.86 -14.62 13.94
CA VAL A 41 -6.86 -15.92 14.62
C VAL A 41 -6.94 -17.05 13.60
N ILE A 42 -7.77 -16.89 12.57
CA ILE A 42 -7.86 -17.92 11.53
C ILE A 42 -6.52 -18.07 10.81
N ALA A 43 -5.80 -16.95 10.66
CA ALA A 43 -4.48 -16.94 10.01
C ALA A 43 -3.47 -17.84 10.70
N HIS A 44 -3.69 -18.16 11.99
CA HIS A 44 -2.84 -19.09 12.72
C HIS A 44 -2.84 -20.51 12.15
N GLU A 45 -3.78 -20.79 11.25
CA GLU A 45 -3.91 -22.11 10.61
C GLU A 45 -3.27 -22.16 9.22
N LEU A 46 -2.62 -21.07 8.80
CA LEU A 46 -1.83 -21.07 7.58
C LEU A 46 -0.63 -21.99 7.76
N PRO A 47 0.00 -22.43 6.66
CA PRO A 47 1.20 -23.27 6.75
C PRO A 47 2.25 -22.70 7.69
N ARG A 48 2.81 -23.53 8.53
CA ARG A 48 3.75 -23.11 9.55
C ARG A 48 4.97 -22.40 9.02
N ARG A 49 5.55 -22.90 7.95
CA ARG A 49 6.74 -22.29 7.38
C ARG A 49 6.47 -20.84 6.95
N LEU A 50 5.27 -20.59 6.42
CA LEU A 50 4.86 -19.22 6.08
C LEU A 50 4.74 -18.33 7.32
N ARG A 51 4.14 -18.85 8.39
CA ARG A 51 3.97 -18.07 9.61
C ARG A 51 5.32 -17.72 10.22
N THR A 52 6.25 -18.67 10.19
CA THR A 52 7.61 -18.44 10.64
C THR A 52 8.31 -17.35 9.82
N PHE A 53 8.15 -17.38 8.51
CA PHE A 53 8.72 -16.33 7.64
C PHE A 53 8.17 -14.95 8.00
N MET A 54 6.86 -14.85 8.14
CA MET A 54 6.20 -13.56 8.38
C MET A 54 6.56 -12.97 9.75
N ALA A 55 6.68 -13.84 10.75
CA ALA A 55 7.04 -13.41 12.11
C ALA A 55 8.49 -12.96 12.21
N ARG A 56 9.38 -13.64 11.50
CA ARG A 56 10.81 -13.31 11.54
C ARG A 56 11.17 -12.17 10.61
N ALA A 57 10.70 -12.26 9.37
CA ALA A 57 11.03 -11.27 8.36
C ALA A 57 10.55 -9.87 8.75
N ARG A 58 9.41 -9.79 9.43
CA ARG A 58 8.91 -8.52 9.97
C ARG A 58 9.89 -7.88 10.96
N LEU A 59 10.64 -8.70 11.69
CA LEU A 59 11.55 -8.19 12.73
C LEU A 59 12.97 -7.90 12.24
N ASP A 60 13.31 -8.32 11.02
CA ASP A 60 14.61 -7.98 10.45
C ASP A 60 14.72 -6.48 10.23
N ALA A 61 15.94 -5.96 10.28
CA ALA A 61 16.18 -4.52 10.21
C ALA A 61 16.20 -3.97 8.79
N TRP A 62 16.45 -4.82 7.80
CA TRP A 62 16.82 -4.36 6.44
C TRP A 62 15.73 -4.34 5.33
N PRO A 63 14.82 -5.33 5.29
CA PRO A 63 14.01 -5.42 4.06
C PRO A 63 13.04 -4.26 3.80
N HIS A 64 12.91 -3.89 2.53
CA HIS A 64 11.95 -2.88 2.08
C HIS A 64 10.53 -3.45 1.96
N ALA A 65 10.44 -4.76 1.74
CA ALA A 65 9.15 -5.44 1.64
C ALA A 65 9.29 -6.92 1.99
N LEU A 66 8.16 -7.54 2.31
CA LEU A 66 8.04 -9.00 2.46
C LEU A 66 7.27 -9.51 1.26
N VAL A 67 7.87 -10.39 0.48
CA VAL A 67 7.26 -10.88 -0.76
C VAL A 67 7.01 -12.38 -0.65
N VAL A 68 5.76 -12.77 -0.89
CA VAL A 68 5.36 -14.18 -0.91
C VAL A 68 4.98 -14.57 -2.35
N ARG A 69 5.73 -15.49 -2.96
CA ARG A 69 5.44 -15.96 -4.32
C ARG A 69 4.71 -17.30 -4.28
N GLY A 70 3.90 -17.55 -5.32
CA GLY A 70 3.39 -18.89 -5.59
C GLY A 70 1.96 -19.21 -5.21
N ASN A 71 1.10 -18.20 -5.10
CA ASN A 71 -0.33 -18.47 -4.87
C ASN A 71 -1.00 -18.73 -6.22
N PRO A 72 -1.61 -19.91 -6.40
CA PRO A 72 -2.25 -20.17 -7.70
C PRO A 72 -3.45 -19.26 -7.97
N VAL A 73 -3.58 -18.80 -9.21
CA VAL A 73 -4.70 -17.98 -9.64
C VAL A 73 -5.12 -18.45 -11.02
N ASP A 74 -6.35 -18.94 -11.12
CA ASP A 74 -6.89 -19.47 -12.37
C ASP A 74 -7.65 -18.36 -13.09
N ASP A 75 -7.09 -17.87 -14.20
CA ASP A 75 -7.70 -16.76 -14.96
C ASP A 75 -9.13 -17.04 -15.41
N ALA A 76 -9.42 -18.29 -15.74
CA ALA A 76 -10.78 -18.68 -16.12
C ALA A 76 -11.74 -18.55 -14.94
N ALA A 77 -11.33 -19.04 -13.77
CA ALA A 77 -12.13 -18.88 -12.55
C ALA A 77 -12.18 -17.42 -12.09
N LEU A 78 -11.08 -16.70 -12.28
CA LEU A 78 -11.00 -15.30 -11.85
C LEU A 78 -11.99 -14.40 -12.59
N GLY A 79 -12.12 -14.60 -13.90
CA GLY A 79 -12.97 -13.74 -14.74
C GLY A 79 -12.25 -12.49 -15.19
N SER A 80 -12.94 -11.64 -15.96
CA SER A 80 -12.33 -10.44 -16.54
C SER A 80 -11.98 -9.39 -15.49
N THR A 81 -10.95 -8.60 -15.77
CA THR A 81 -10.59 -7.49 -14.91
C THR A 81 -11.73 -6.47 -14.96
N PRO A 82 -12.24 -6.03 -13.79
CA PRO A 82 -13.30 -5.01 -13.73
C PRO A 82 -12.90 -3.70 -14.38
N VAL A 83 -13.90 -2.96 -14.87
CA VAL A 83 -13.67 -1.66 -15.52
C VAL A 83 -13.49 -0.51 -14.50
N HIS A 84 -13.92 -0.73 -13.26
CA HIS A 84 -13.86 0.27 -12.19
C HIS A 84 -13.73 -0.48 -10.87
N TRP A 85 -13.18 0.16 -9.85
CA TRP A 85 -13.07 -0.47 -8.52
C TRP A 85 -14.45 -0.74 -7.88
N ARG A 86 -15.44 0.10 -8.19
CA ARG A 86 -16.83 -0.03 -7.72
C ARG A 86 -17.37 -1.43 -7.89
N THR A 87 -17.18 -1.99 -9.07
CA THR A 87 -17.71 -3.31 -9.42
C THR A 87 -16.63 -4.39 -9.37
N ALA A 88 -15.60 -4.20 -8.56
CA ALA A 88 -14.43 -5.07 -8.60
C ALA A 88 -14.45 -6.22 -7.59
N ARG A 89 -15.48 -6.28 -6.76
CA ARG A 89 -15.64 -7.42 -5.85
C ARG A 89 -16.42 -8.53 -6.53
N THR A 90 -15.75 -9.13 -7.51
CA THR A 90 -16.32 -10.21 -8.30
C THR A 90 -16.18 -11.52 -7.53
N PRO A 91 -17.09 -12.49 -7.77
CA PRO A 91 -16.97 -13.81 -7.16
C PRO A 91 -15.63 -14.49 -7.43
N GLY A 92 -15.10 -14.34 -8.63
CA GLY A 92 -13.80 -14.93 -8.99
C GLY A 92 -12.63 -14.40 -8.17
N SER A 93 -12.72 -13.14 -7.73
CA SER A 93 -11.65 -12.52 -6.95
C SER A 93 -11.87 -12.63 -5.44
N ARG A 94 -13.03 -13.16 -5.04
CA ARG A 94 -13.43 -13.20 -3.63
C ARG A 94 -12.51 -14.03 -2.74
N PRO A 95 -12.19 -15.28 -3.15
CA PRO A 95 -11.27 -16.06 -2.29
C PRO A 95 -9.90 -15.43 -2.12
N LEU A 96 -9.39 -14.78 -3.15
CA LEU A 96 -8.07 -14.13 -3.08
C LEU A 96 -8.07 -12.89 -2.19
N SER A 97 -9.22 -12.22 -2.10
CA SER A 97 -9.38 -11.12 -1.15
C SER A 97 -9.30 -11.63 0.29
N PHE A 98 -10.01 -12.72 0.57
CA PHE A 98 -9.90 -13.37 1.88
C PHE A 98 -8.48 -13.81 2.17
N LEU A 99 -7.79 -14.35 1.15
CA LEU A 99 -6.40 -14.76 1.30
C LEU A 99 -5.49 -13.59 1.71
N LEU A 100 -5.65 -12.46 1.04
CA LEU A 100 -4.84 -11.27 1.33
C LEU A 100 -5.04 -10.84 2.79
N MET A 101 -6.28 -10.85 3.23
CA MET A 101 -6.60 -10.45 4.59
C MET A 101 -6.02 -11.42 5.62
N LEU A 102 -6.02 -12.72 5.30
CA LEU A 102 -5.39 -13.71 6.17
C LEU A 102 -3.90 -13.43 6.33
N TYR A 103 -3.19 -13.27 5.20
CA TYR A 103 -1.76 -12.92 5.25
C TYR A 103 -1.52 -11.61 6.01
N ALA A 104 -2.35 -10.60 5.72
CA ALA A 104 -2.27 -9.30 6.38
C ALA A 104 -2.37 -9.42 7.91
N GLY A 105 -3.26 -10.30 8.36
CA GLY A 105 -3.49 -10.52 9.79
C GLY A 105 -2.29 -11.03 10.58
N LEU A 106 -1.35 -11.67 9.89
CA LEU A 106 -0.08 -12.06 10.50
C LEU A 106 0.83 -10.87 10.80
N LEU A 107 0.62 -9.74 10.12
CA LEU A 107 1.50 -8.57 10.24
C LEU A 107 0.95 -7.42 11.08
N GLY A 108 -0.37 -7.34 11.24
CA GLY A 108 -0.97 -6.28 12.04
C GLY A 108 -2.46 -6.09 11.86
N ASP A 109 -2.92 -4.88 12.20
CA ASP A 109 -4.32 -4.51 12.14
C ASP A 109 -4.65 -3.82 10.81
N VAL A 110 -5.56 -4.41 10.04
CA VAL A 110 -5.96 -3.80 8.76
C VAL A 110 -6.97 -2.66 8.95
N PHE A 111 -6.98 -1.71 8.02
CA PHE A 111 -7.93 -0.62 8.04
C PHE A 111 -8.09 0.00 6.65
N GLY A 112 -9.15 0.77 6.46
CA GLY A 112 -9.35 1.56 5.26
C GLY A 112 -9.54 3.03 5.61
N TRP A 113 -9.86 3.84 4.60
CA TRP A 113 -10.11 5.26 4.77
C TRP A 113 -11.51 5.60 4.28
N ALA A 114 -12.22 6.45 5.02
CA ALA A 114 -13.57 6.85 4.65
C ALA A 114 -13.63 7.61 3.33
N THR A 115 -12.51 8.22 2.95
CA THR A 115 -12.42 9.03 1.74
C THR A 115 -11.77 8.29 0.56
N GLN A 116 -11.59 6.97 0.68
CA GLN A 116 -10.95 6.20 -0.39
C GLN A 116 -11.72 4.91 -0.70
N GLN A 117 -12.10 4.74 -1.96
CA GLN A 117 -12.90 3.61 -2.44
C GLN A 117 -14.03 3.23 -1.47
N ASP A 118 -14.84 4.24 -1.12
CA ASP A 118 -16.03 4.05 -0.27
C ASP A 118 -15.76 3.37 1.07
N GLY A 119 -14.62 3.65 1.67
CA GLY A 119 -14.28 3.10 2.97
C GLY A 119 -13.92 1.62 3.01
N ARG A 120 -13.67 1.03 1.85
CA ARG A 120 -13.33 -0.39 1.77
C ARG A 120 -11.97 -0.66 2.40
N VAL A 121 -11.84 -1.80 3.05
CA VAL A 121 -10.55 -2.22 3.61
C VAL A 121 -9.71 -2.90 2.55
N VAL A 122 -10.27 -3.89 1.87
CA VAL A 122 -9.62 -4.48 0.70
C VAL A 122 -9.98 -3.61 -0.50
N THR A 123 -8.97 -2.96 -1.09
CA THR A 123 -9.18 -2.05 -2.23
C THR A 123 -8.62 -2.66 -3.52
N ASP A 124 -8.90 -2.01 -4.65
CA ASP A 124 -8.50 -2.51 -5.95
C ASP A 124 -7.59 -1.54 -6.70
N VAL A 125 -6.59 -2.10 -7.35
CA VAL A 125 -5.69 -1.37 -8.22
C VAL A 125 -5.88 -1.94 -9.61
N LEU A 126 -6.43 -1.12 -10.51
CA LEU A 126 -6.62 -1.51 -11.92
C LEU A 126 -6.74 -0.25 -12.78
N PRO A 127 -6.39 -0.36 -14.08
CA PRO A 127 -6.48 0.83 -14.95
C PRO A 127 -7.92 1.21 -15.27
N ILE A 128 -8.27 2.47 -15.06
CA ILE A 128 -9.62 2.96 -15.35
C ILE A 128 -9.60 3.86 -16.59
N LYS A 129 -10.39 3.46 -17.59
CA LYS A 129 -10.46 4.17 -18.87
C LYS A 129 -10.80 5.64 -18.66
N GLY A 130 -10.02 6.52 -19.29
CA GLY A 130 -10.16 7.96 -19.09
C GLY A 130 -9.28 8.53 -17.99
N GLY A 131 -8.71 7.67 -17.15
CA GLY A 131 -7.89 8.11 -16.02
C GLY A 131 -6.44 7.68 -16.14
N GLU A 132 -5.92 7.63 -17.36
CA GLU A 132 -4.59 7.11 -17.63
C GLU A 132 -3.48 8.02 -17.11
N HIS A 133 -3.76 9.33 -17.05
CA HIS A 133 -2.78 10.32 -16.66
C HIS A 133 -3.12 11.00 -15.33
N THR A 134 -3.71 10.24 -14.41
CA THR A 134 -4.02 10.73 -13.07
C THR A 134 -2.88 10.37 -12.13
N LEU A 135 -2.98 10.84 -10.89
CA LEU A 135 -1.95 10.60 -9.87
C LEU A 135 -2.37 9.50 -8.90
N VAL A 136 -3.34 8.68 -9.30
CA VAL A 136 -3.84 7.60 -8.44
C VAL A 136 -3.52 6.25 -9.07
N SER A 137 -3.69 5.19 -8.30
CA SER A 137 -3.26 3.84 -8.68
C SER A 137 -4.02 3.26 -9.88
N SER A 138 -5.12 3.90 -10.28
CA SER A 138 -5.85 3.51 -11.49
C SER A 138 -5.30 4.19 -12.76
N SER A 139 -4.18 4.88 -12.63
CA SER A 139 -3.45 5.39 -13.78
C SER A 139 -2.78 4.26 -14.56
N SER A 140 -2.19 4.59 -15.69
CA SER A 140 -1.48 3.60 -16.50
C SER A 140 -0.40 4.24 -17.34
N ARG A 141 -0.79 5.01 -18.35
CA ARG A 141 0.16 5.60 -19.31
C ARG A 141 1.15 6.53 -18.62
N GLN A 142 0.69 7.26 -17.60
CA GLN A 142 1.58 8.06 -16.75
C GLN A 142 2.08 7.19 -15.60
N GLU A 143 3.40 7.15 -15.42
CA GLU A 143 4.01 6.44 -14.30
C GLU A 143 3.38 6.94 -12.99
N LEU A 144 3.10 6.01 -12.07
CA LEU A 144 2.72 6.42 -10.72
C LEU A 144 4.01 6.71 -9.95
N GLY A 145 4.24 7.99 -9.66
CA GLY A 145 5.47 8.44 -9.00
C GLY A 145 5.63 7.89 -7.60
N TRP A 146 6.88 7.80 -7.15
CA TRP A 146 7.17 7.19 -5.85
C TRP A 146 6.60 7.99 -4.69
N HIS A 147 6.17 7.28 -3.65
CA HIS A 147 5.54 7.91 -2.50
C HIS A 147 5.43 6.97 -1.31
N THR A 148 5.39 7.57 -0.13
CA THR A 148 4.93 6.91 1.08
C THR A 148 3.41 6.89 1.01
N GLU A 149 2.79 5.74 1.20
CA GLU A 149 1.32 5.64 1.17
C GLU A 149 0.72 6.56 2.22
N ASP A 150 -0.23 7.39 1.80
CA ASP A 150 -0.91 8.36 2.68
C ASP A 150 0.07 9.21 3.49
N ALA A 151 1.08 9.73 2.82
CA ALA A 151 2.15 10.48 3.48
C ALA A 151 1.63 11.65 4.32
N PHE A 152 0.56 12.29 3.85
CA PHE A 152 -0.07 13.41 4.57
C PHE A 152 -0.50 13.09 6.00
N SER A 153 -0.82 11.83 6.29
CA SER A 153 -1.49 11.45 7.53
C SER A 153 -0.56 10.80 8.54
N PRO A 154 -0.68 11.18 9.82
CA PRO A 154 0.09 10.48 10.86
C PRO A 154 -0.44 9.07 11.15
N TYR A 155 -1.60 8.71 10.59
CA TYR A 155 -2.19 7.40 10.77
C TYR A 155 -1.99 6.50 9.55
N ARG A 156 -1.09 6.90 8.66
CA ARG A 156 -0.74 6.11 7.49
C ARG A 156 -0.22 4.72 7.88
N ALA A 157 -0.41 3.77 6.98
CA ALA A 157 -0.08 2.38 7.23
C ALA A 157 1.41 2.17 7.54
N ASP A 158 1.68 1.11 8.29
CA ASP A 158 3.05 0.62 8.47
C ASP A 158 3.44 -0.30 7.32
N TYR A 159 2.48 -1.11 6.86
CA TYR A 159 2.68 -1.98 5.69
C TYR A 159 1.54 -1.82 4.71
N VAL A 160 1.89 -1.86 3.42
CA VAL A 160 0.90 -1.89 2.35
C VAL A 160 1.02 -3.23 1.64
N GLY A 161 -0.08 -3.99 1.65
CA GLY A 161 -0.13 -5.30 1.02
C GLY A 161 -0.68 -5.21 -0.39
N LEU A 162 -0.01 -5.90 -1.32
CA LEU A 162 -0.43 -5.93 -2.73
C LEU A 162 -0.41 -7.37 -3.20
N LEU A 163 -1.58 -7.87 -3.62
CA LEU A 163 -1.70 -9.21 -4.18
C LEU A 163 -2.06 -9.08 -5.67
N SER A 164 -1.20 -9.63 -6.51
CA SER A 164 -1.37 -9.56 -7.96
C SER A 164 -2.36 -10.62 -8.45
N LEU A 165 -3.56 -10.20 -8.82
CA LEU A 165 -4.56 -11.11 -9.40
C LEU A 165 -4.18 -11.50 -10.82
N ARG A 166 -3.71 -10.52 -11.58
CA ARG A 166 -3.08 -10.77 -12.87
C ARG A 166 -2.18 -9.61 -13.24
N ASN A 167 -1.18 -9.93 -14.06
CA ASN A 167 -0.19 -8.96 -14.51
C ASN A 167 0.56 -9.57 -15.71
N PRO A 168 -0.18 -9.83 -16.80
CA PRO A 168 0.34 -10.62 -17.93
C PRO A 168 1.57 -10.05 -18.63
N ASP A 169 1.70 -8.73 -18.63
CA ASP A 169 2.80 -8.07 -19.32
C ASP A 169 3.94 -7.65 -18.37
N GLY A 170 3.88 -8.11 -17.12
CA GLY A 170 4.98 -7.96 -16.17
C GLY A 170 5.27 -6.54 -15.76
N VAL A 171 4.22 -5.73 -15.60
CA VAL A 171 4.39 -4.33 -15.22
C VAL A 171 4.97 -4.23 -13.80
N ALA A 172 6.01 -3.43 -13.65
CA ALA A 172 6.78 -3.37 -12.39
C ALA A 172 6.26 -2.35 -11.40
N THR A 173 6.19 -2.77 -10.14
CA THR A 173 6.08 -1.88 -9.00
C THR A 173 7.48 -1.31 -8.77
N THR A 174 7.57 -0.05 -8.38
CA THR A 174 8.86 0.59 -8.10
C THR A 174 9.02 0.78 -6.60
N LEU A 175 10.27 0.75 -6.15
CA LEU A 175 10.62 0.87 -4.74
C LEU A 175 11.95 1.60 -4.57
N ALA A 176 12.08 2.32 -3.47
CA ALA A 176 13.35 2.92 -3.06
C ALA A 176 13.37 3.10 -1.56
N GLY A 177 14.55 2.89 -0.96
CA GLY A 177 14.77 3.14 0.45
C GLY A 177 15.37 4.51 0.67
N VAL A 178 15.71 4.81 1.92
CA VAL A 178 16.38 6.05 2.25
C VAL A 178 17.78 5.98 1.63
N PRO A 179 18.16 6.98 0.81
CA PRO A 179 19.46 6.94 0.15
C PRO A 179 20.59 7.34 1.11
N LEU A 180 20.82 6.49 2.10
CA LEU A 180 21.69 6.82 3.23
C LEU A 180 23.16 6.84 2.83
N ASP A 181 23.50 6.08 1.79
CA ASP A 181 24.88 6.06 1.28
C ASP A 181 25.28 7.36 0.57
N ASP A 182 24.31 8.21 0.25
CA ASP A 182 24.59 9.46 -0.50
C ASP A 182 24.21 10.77 0.19
N LEU A 183 23.36 10.72 1.21
CA LEU A 183 22.96 11.93 1.94
C LEU A 183 24.06 12.41 2.89
N ASP A 184 24.54 13.63 2.69
CA ASP A 184 25.49 14.23 3.62
C ASP A 184 24.78 14.63 4.91
N GLU A 185 25.55 14.84 5.98
CA GLU A 185 24.98 14.99 7.31
C GLU A 185 24.17 16.27 7.49
N ARG A 186 24.56 17.33 6.80
CA ARG A 186 23.83 18.59 6.83
C ARG A 186 22.45 18.42 6.17
N THR A 187 22.40 17.81 5.00
CA THR A 187 21.13 17.53 4.32
C THR A 187 20.27 16.61 5.17
N LEU A 188 20.90 15.60 5.76
CA LEU A 188 20.24 14.66 6.66
C LEU A 188 19.62 15.40 7.86
N ASP A 189 20.39 16.29 8.50
CA ASP A 189 19.90 17.12 9.62
C ASP A 189 18.61 17.86 9.25
N VAL A 190 18.62 18.46 8.06
CA VAL A 190 17.50 19.28 7.60
C VAL A 190 16.26 18.42 7.33
N LEU A 191 16.45 17.25 6.73
CA LEU A 191 15.35 16.31 6.47
C LEU A 191 14.69 15.82 7.77
N PHE A 192 15.47 15.77 8.85
CA PHE A 192 14.96 15.39 10.16
C PHE A 192 14.20 16.52 10.87
N GLN A 193 14.23 17.74 10.32
CA GLN A 193 13.56 18.89 10.94
C GLN A 193 12.19 19.11 10.33
N GLU A 194 11.29 19.70 11.12
CA GLU A 194 9.90 19.91 10.71
C GLU A 194 9.78 21.12 9.79
N ARG A 195 10.16 20.91 8.54
CA ARG A 195 10.33 22.01 7.59
C ARG A 195 9.77 21.68 6.20
N PHE A 196 8.78 20.80 6.16
CA PHE A 196 8.24 20.28 4.91
C PHE A 196 6.71 20.19 4.97
N LEU A 197 6.09 20.32 3.81
CA LEU A 197 4.63 20.24 3.69
C LEU A 197 4.29 19.02 2.86
N ILE A 198 3.33 18.23 3.34
CA ILE A 198 2.90 17.03 2.63
C ILE A 198 1.38 16.99 2.62
N ARG A 199 0.83 17.22 1.43
CA ARG A 199 -0.63 17.32 1.24
C ARG A 199 -1.24 15.98 0.88
N PRO A 200 -2.54 15.80 1.18
CA PRO A 200 -3.20 14.54 0.79
C PRO A 200 -3.22 14.34 -0.72
N ASP A 201 -3.09 13.09 -1.14
CA ASP A 201 -3.06 12.75 -2.55
C ASP A 201 -4.47 12.69 -3.13
N ASP A 202 -4.55 12.59 -4.45
CA ASP A 202 -5.83 12.67 -5.16
C ASP A 202 -6.81 11.51 -4.91
N SER A 203 -6.31 10.37 -4.40
CA SER A 203 -7.20 9.24 -4.10
C SER A 203 -8.21 9.55 -2.98
N HIS A 204 -7.94 10.59 -2.19
CA HIS A 204 -8.85 11.01 -1.11
C HIS A 204 -9.86 12.09 -1.53
N LEU A 205 -9.91 12.42 -2.82
CA LEU A 205 -10.86 13.41 -3.32
C LEU A 205 -12.24 12.79 -3.54
N GLN A 206 -13.27 13.62 -3.40
CA GLN A 206 -14.67 13.19 -3.60
C GLN A 206 -14.91 12.62 -4.99
N VAL A 207 -14.22 13.16 -6.00
CA VAL A 207 -14.39 12.70 -7.39
C VAL A 207 -13.94 11.24 -7.60
N ASN A 208 -13.02 10.77 -6.76
CA ASN A 208 -12.55 9.37 -6.83
C ASN A 208 -13.28 8.44 -5.86
N ASN A 209 -14.43 8.87 -5.36
CA ASN A 209 -15.33 8.01 -4.60
C ASN A 209 -16.73 8.07 -5.21
N SER A 210 -17.62 7.18 -4.76
CA SER A 210 -18.98 7.11 -5.29
C SER A 210 -19.85 8.28 -4.80
N THR A 211 -20.97 8.49 -5.47
CA THR A 211 -21.90 9.58 -5.13
C THR A 211 -22.59 9.32 -3.79
N VAL A 217 -18.33 13.26 5.79
CA VAL A 217 -17.79 14.31 6.65
C VAL A 217 -16.25 14.26 6.70
N GLU A 218 -15.70 13.08 6.41
CA GLU A 218 -14.25 12.87 6.49
C GLU A 218 -13.48 13.61 5.38
N PHE A 219 -14.19 14.03 4.33
CA PHE A 219 -13.60 14.85 3.28
C PHE A 219 -13.25 16.27 3.76
N GLU A 220 -13.84 16.69 4.87
CA GLU A 220 -13.52 17.97 5.50
C GLU A 220 -12.08 17.96 6.01
N GLY A 221 -11.70 16.88 6.70
CA GLY A 221 -10.34 16.71 7.22
C GLY A 221 -9.28 16.66 6.14
N ILE A 222 -9.63 16.09 4.99
CA ILE A 222 -8.72 16.03 3.85
C ILE A 222 -8.52 17.45 3.29
N ALA A 223 -9.60 18.20 3.17
CA ALA A 223 -9.54 19.59 2.71
C ALA A 223 -8.61 20.43 3.59
N GLN A 224 -8.72 20.26 4.90
CA GLN A 224 -7.89 20.98 5.87
C GLN A 224 -6.40 20.61 5.76
N ALA A 225 -6.13 19.33 5.47
CA ALA A 225 -4.76 18.87 5.26
C ALA A 225 -4.16 19.42 3.96
N ALA A 226 -5.02 19.67 2.96
CA ALA A 226 -4.59 20.24 1.69
C ALA A 226 -4.45 21.77 1.77
N ASP A 227 -5.41 22.43 2.41
CA ASP A 227 -5.43 23.88 2.53
C ASP A 227 -4.39 24.41 3.51
N ARG A 228 -4.28 23.73 4.66
CA ARG A 228 -3.42 24.20 5.75
C ARG A 228 -2.58 23.06 6.32
N PRO A 229 -1.59 22.58 5.55
CA PRO A 229 -0.69 21.55 6.05
C PRO A 229 0.32 22.14 7.03
N GLU A 230 0.47 21.52 8.19
CA GLU A 230 1.45 21.99 9.17
C GLU A 230 2.81 21.38 8.83
N PRO A 231 3.91 22.12 9.10
CA PRO A 231 5.25 21.58 8.82
C PRO A 231 5.53 20.27 9.52
N VAL A 232 6.09 19.31 8.78
CA VAL A 232 6.48 18.01 9.33
C VAL A 232 7.87 17.65 8.82
N ALA A 233 8.46 16.62 9.42
CA ALA A 233 9.76 16.13 8.98
C ALA A 233 9.60 15.05 7.92
N ILE A 234 10.61 14.91 7.07
CA ILE A 234 10.65 13.81 6.10
C ILE A 234 11.28 12.56 6.73
N LEU A 235 12.35 12.72 7.50
CA LEU A 235 12.97 11.59 8.19
C LEU A 235 12.70 11.66 9.70
N THR A 236 12.55 10.48 10.31
CA THR A 236 12.35 10.35 11.76
C THR A 236 13.12 9.15 12.29
N GLY A 237 13.26 9.11 13.61
CA GLY A 237 13.88 7.99 14.31
C GLY A 237 15.40 7.97 14.25
N HIS A 238 15.96 6.80 14.00
CA HIS A 238 17.40 6.58 14.10
C HIS A 238 18.13 7.12 12.87
N ARG A 239 19.17 7.92 13.11
CA ARG A 239 19.94 8.52 12.02
C ARG A 239 20.62 7.49 11.13
N ALA A 240 21.02 6.36 11.70
CA ALA A 240 21.64 5.27 10.93
C ALA A 240 20.64 4.38 10.19
N ALA A 241 19.35 4.56 10.47
CA ALA A 241 18.28 3.81 9.77
C ALA A 241 16.95 4.57 9.89
N PRO A 242 16.85 5.73 9.21
CA PRO A 242 15.69 6.59 9.41
C PRO A 242 14.41 6.04 8.78
N HIS A 243 13.27 6.43 9.33
CA HIS A 243 11.99 6.17 8.70
C HIS A 243 11.68 7.34 7.80
N LEU A 244 10.88 7.08 6.77
CA LEU A 244 10.74 7.98 5.63
C LEU A 244 9.27 8.38 5.42
N ARG A 245 9.05 9.66 5.16
CA ARG A 245 7.71 10.19 4.91
C ARG A 245 7.80 11.26 3.82
N VAL A 246 7.46 10.88 2.60
CA VAL A 246 7.62 11.77 1.47
C VAL A 246 6.72 11.32 0.32
N ASP A 247 6.33 12.28 -0.51
CA ASP A 247 5.56 11.98 -1.70
C ASP A 247 6.12 12.86 -2.80
N GLY A 248 6.67 12.21 -3.83
CA GLY A 248 7.30 12.92 -4.95
C GLY A 248 6.44 13.95 -5.63
N ASP A 249 5.13 13.75 -5.68
CA ASP A 249 4.22 14.70 -6.33
C ASP A 249 3.39 15.57 -5.37
N PHE A 250 3.49 15.32 -4.07
CA PHE A 250 2.69 16.07 -3.09
C PHE A 250 3.50 16.68 -1.93
N SER A 251 4.83 16.57 -1.99
CA SER A 251 5.68 17.18 -0.97
C SER A 251 6.19 18.54 -1.44
N ALA A 252 6.42 19.42 -0.47
CA ALA A 252 6.92 20.76 -0.73
C ALA A 252 7.69 21.24 0.50
N PRO A 253 8.60 22.21 0.30
CA PRO A 253 9.24 22.79 1.48
C PRO A 253 8.27 23.73 2.16
N ALA A 254 8.48 23.99 3.45
CA ALA A 254 7.73 25.06 4.13
C ALA A 254 7.98 26.35 3.36
N GLU A 255 6.99 27.25 3.33
CA GLU A 255 7.06 28.41 2.44
C GLU A 255 8.28 29.29 2.72
N GLY A 256 9.06 29.56 1.67
CA GLY A 256 10.24 30.41 1.77
C GLY A 256 11.50 29.75 2.34
N ASP A 257 11.41 28.48 2.71
CA ASP A 257 12.52 27.77 3.33
C ASP A 257 13.38 27.12 2.24
N GLU A 258 14.42 27.83 1.81
CA GLU A 258 15.24 27.38 0.69
C GLU A 258 16.24 26.28 1.05
N GLU A 259 16.64 26.22 2.32
CA GLU A 259 17.51 25.13 2.79
C GLU A 259 16.74 23.82 2.83
N ALA A 260 15.50 23.87 3.33
CA ALA A 260 14.62 22.71 3.30
C ALA A 260 14.37 22.28 1.86
N ALA A 261 14.13 23.26 0.99
CA ALA A 261 13.92 23.01 -0.43
C ALA A 261 15.10 22.31 -1.09
N ALA A 262 16.32 22.72 -0.74
CA ALA A 262 17.53 22.14 -1.31
C ALA A 262 17.68 20.69 -0.88
N ALA A 263 17.35 20.41 0.39
CA ALA A 263 17.39 19.05 0.92
C ALA A 263 16.37 18.13 0.24
N LEU A 264 15.17 18.65 0.01
CA LEU A 264 14.13 17.90 -0.70
C LEU A 264 14.49 17.67 -2.16
N GLY A 265 15.03 18.71 -2.80
CA GLY A 265 15.52 18.59 -4.17
C GLY A 265 16.61 17.52 -4.31
N THR A 266 17.53 17.50 -3.35
CA THR A 266 18.58 16.49 -3.32
C THR A 266 17.99 15.11 -3.10
N LEU A 267 17.04 15.01 -2.17
CA LEU A 267 16.40 13.73 -1.86
C LEU A 267 15.71 13.14 -3.10
N ARG A 268 14.98 14.00 -3.82
CA ARG A 268 14.32 13.57 -5.06
C ARG A 268 15.30 12.95 -6.03
N LYS A 269 16.41 13.65 -6.25
CA LYS A 269 17.45 13.21 -7.17
C LYS A 269 18.00 11.85 -6.75
N LEU A 270 18.29 11.69 -5.46
CA LEU A 270 18.87 10.45 -4.95
C LEU A 270 17.88 9.29 -4.99
N ILE A 271 16.61 9.55 -4.70
CA ILE A 271 15.58 8.51 -4.80
C ILE A 271 15.33 8.13 -6.27
N ASP A 272 15.24 9.11 -7.16
CA ASP A 272 15.10 8.82 -8.60
C ASP A 272 16.21 7.89 -9.08
N ALA A 273 17.44 8.15 -8.65
CA ALA A 273 18.61 7.39 -9.10
C ALA A 273 18.72 5.98 -8.50
N SER A 274 18.09 5.74 -7.36
CA SER A 274 18.18 4.44 -6.70
C SER A 274 16.87 3.63 -6.76
N LEU A 275 15.86 4.16 -7.46
CA LEU A 275 14.59 3.47 -7.65
C LEU A 275 14.83 2.14 -8.37
N TYR A 276 14.24 1.05 -7.88
CA TYR A 276 14.37 -0.26 -8.51
C TYR A 276 13.00 -0.92 -8.71
N GLU A 277 12.98 -2.01 -9.46
CA GLU A 277 11.72 -2.64 -9.89
C GLU A 277 11.44 -3.95 -9.15
N LEU A 278 10.16 -4.16 -8.85
CA LEU A 278 9.65 -5.41 -8.29
C LEU A 278 8.43 -5.80 -9.12
N VAL A 279 8.55 -6.92 -9.85
CA VAL A 279 7.45 -7.38 -10.69
C VAL A 279 6.63 -8.38 -9.88
N LEU A 280 5.39 -8.01 -9.58
CA LEU A 280 4.47 -8.93 -8.93
C LEU A 280 3.74 -9.71 -10.03
N ASP A 281 4.23 -10.91 -10.30
CA ASP A 281 3.55 -11.82 -11.23
C ASP A 281 2.27 -12.30 -10.59
N GLN A 282 1.39 -12.86 -11.41
CA GLN A 282 0.13 -13.42 -10.93
C GLN A 282 0.35 -14.31 -9.72
N GLY A 283 -0.38 -14.03 -8.63
CA GLY A 283 -0.24 -14.80 -7.40
C GLY A 283 0.79 -14.32 -6.39
N ASP A 284 1.64 -13.39 -6.78
CA ASP A 284 2.62 -12.81 -5.87
C ASP A 284 1.95 -11.81 -4.92
N VAL A 285 2.36 -11.83 -3.65
CA VAL A 285 1.90 -10.87 -2.66
C VAL A 285 3.11 -10.15 -2.07
N ALA A 286 3.04 -8.82 -2.00
CA ALA A 286 4.10 -8.02 -1.38
C ALA A 286 3.54 -7.19 -0.24
N PHE A 287 4.25 -7.16 0.87
CA PHE A 287 3.93 -6.27 1.97
C PHE A 287 5.07 -5.27 2.09
N ILE A 288 4.82 -4.07 1.59
CA ILE A 288 5.83 -3.02 1.49
C ILE A 288 5.94 -2.32 2.83
N ASP A 289 7.16 -2.19 3.34
CA ASP A 289 7.41 -1.47 4.59
C ASP A 289 7.30 0.03 4.32
N ASN A 290 6.15 0.60 4.70
CA ASN A 290 5.81 1.98 4.36
C ASN A 290 6.61 3.03 5.15
N ARG A 291 7.42 2.59 6.11
CA ARG A 291 8.31 3.48 6.84
C ARG A 291 9.75 3.44 6.32
N ARG A 292 10.16 2.32 5.73
CA ARG A 292 11.51 2.19 5.17
C ARG A 292 11.59 2.55 3.69
N ALA A 293 10.46 2.52 3.00
CA ALA A 293 10.47 2.62 1.55
C ALA A 293 9.30 3.41 0.98
N VAL A 294 9.57 4.08 -0.13
CA VAL A 294 8.52 4.65 -0.98
C VAL A 294 8.31 3.67 -2.13
N HIS A 295 7.16 3.74 -2.76
CA HIS A 295 6.85 2.88 -3.89
C HIS A 295 6.01 3.61 -4.93
N GLY A 296 5.97 3.04 -6.12
CA GLY A 296 5.14 3.53 -7.21
C GLY A 296 4.86 2.41 -8.20
N ARG A 297 4.63 2.78 -9.45
CA ARG A 297 4.34 1.82 -10.51
C ARG A 297 4.75 2.41 -11.85
N ARG A 298 5.44 1.61 -12.66
CA ARG A 298 5.91 2.06 -13.96
C ARG A 298 4.75 2.38 -14.90
N ALA A 299 4.99 3.34 -15.80
CA ALA A 299 4.07 3.60 -16.90
C ALA A 299 3.84 2.32 -17.70
N PHE A 300 2.60 2.11 -18.12
CA PHE A 300 2.27 1.00 -19.02
C PHE A 300 1.08 1.35 -19.90
N GLN A 301 1.03 0.72 -21.07
CA GLN A 301 -0.10 0.87 -21.98
C GLN A 301 -1.24 -0.04 -21.51
N PRO A 302 -2.38 0.55 -21.10
CA PRO A 302 -3.49 -0.30 -20.69
C PRO A 302 -4.09 -1.06 -21.87
N ARG A 303 -4.67 -2.22 -21.60
CA ARG A 303 -5.27 -3.07 -22.62
C ARG A 303 -6.76 -2.75 -22.85
N TYR A 304 -7.50 -2.66 -21.74
CA TYR A 304 -8.97 -2.54 -21.74
C TYR A 304 -9.69 -3.64 -22.52
N ASP A 305 -9.12 -4.84 -22.51
CA ASP A 305 -9.68 -6.00 -23.21
C ASP A 305 -10.19 -7.06 -22.23
N GLY A 306 -10.13 -6.77 -20.94
CA GLY A 306 -10.57 -7.71 -19.91
C GLY A 306 -9.45 -8.45 -19.18
N ARG A 307 -8.21 -8.27 -19.62
CA ARG A 307 -7.06 -8.92 -18.96
C ARG A 307 -6.01 -7.92 -18.47
N ASP A 308 -6.43 -6.71 -18.14
CA ASP A 308 -5.52 -5.73 -17.56
C ASP A 308 -5.00 -6.21 -16.22
N ARG A 309 -3.81 -5.71 -15.89
CA ARG A 309 -3.19 -5.85 -14.59
C ARG A 309 -4.16 -5.42 -13.49
N TRP A 310 -4.24 -6.25 -12.45
CA TRP A 310 -5.23 -6.07 -11.39
C TRP A 310 -4.62 -6.56 -10.07
N LEU A 311 -4.60 -5.67 -9.07
CA LEU A 311 -4.15 -6.04 -7.73
C LEU A 311 -5.26 -5.81 -6.72
N LYS A 312 -5.28 -6.63 -5.67
CA LYS A 312 -6.01 -6.31 -4.45
C LYS A 312 -5.01 -5.68 -3.48
N ARG A 313 -5.48 -4.76 -2.65
CA ARG A 313 -4.61 -3.96 -1.80
C ARG A 313 -5.23 -3.79 -0.42
N ILE A 314 -4.38 -3.61 0.58
CA ILE A 314 -4.84 -3.42 1.95
C ILE A 314 -3.82 -2.63 2.78
N ASN A 315 -4.32 -1.75 3.64
CA ASN A 315 -3.49 -0.98 4.57
C ASN A 315 -3.41 -1.70 5.91
N ILE A 316 -2.21 -1.73 6.48
CA ILE A 316 -1.96 -2.44 7.74
C ILE A 316 -1.19 -1.54 8.71
N THR A 317 -1.66 -1.48 9.96
CA THR A 317 -0.92 -0.80 11.01
C THR A 317 -0.55 -1.80 12.12
N ARG A 318 0.59 -1.56 12.74
CA ARG A 318 1.00 -2.36 13.89
C ARG A 318 0.16 -2.05 15.13
N ASP A 319 -0.54 -0.92 15.12
CA ASP A 319 -1.33 -0.53 16.28
C ASP A 319 -2.50 0.39 15.90
N LEU A 320 -3.69 -0.19 15.84
CA LEU A 320 -4.92 0.53 15.49
C LEU A 320 -5.22 1.70 16.44
N HIS A 321 -4.85 1.58 17.71
CA HIS A 321 -5.14 2.62 18.71
C HIS A 321 -4.35 3.91 18.50
N ARG A 322 -3.23 3.81 17.79
CA ARG A 322 -2.47 4.97 17.35
C ARG A 322 -3.32 5.98 16.57
N SER A 323 -4.37 5.49 15.92
CA SER A 323 -5.25 6.34 15.09
C SER A 323 -6.65 6.56 15.67
N ARG A 324 -6.84 6.37 16.98
CA ARG A 324 -8.18 6.42 17.56
C ARG A 324 -8.90 7.76 17.37
N LYS A 325 -8.14 8.85 17.26
CA LYS A 325 -8.69 10.17 16.94
C LYS A 325 -9.45 10.16 15.61
N ALA A 326 -8.98 9.33 14.67
CA ALA A 326 -9.57 9.26 13.33
C ALA A 326 -10.59 8.12 13.14
N TRP A 327 -10.98 7.45 14.23
CA TRP A 327 -12.01 6.41 14.17
C TRP A 327 -13.38 7.03 13.86
N ALA A 328 -14.10 6.43 12.92
CA ALA A 328 -15.45 6.90 12.57
C ALA A 328 -16.45 6.45 13.63
N GLY A 329 -16.55 5.13 13.83
CA GLY A 329 -17.41 4.55 14.86
C GLY A 329 -16.63 3.46 15.60
N ASP A 330 -17.05 2.22 15.42
CA ASP A 330 -16.27 1.05 15.85
C ASP A 330 -15.77 0.30 14.62
N SER A 331 -15.78 0.98 13.47
CA SER A 331 -15.34 0.41 12.20
C SER A 331 -13.82 0.51 12.07
N ARG A 332 -13.30 -0.03 10.98
CA ARG A 332 -11.88 0.02 10.67
C ARG A 332 -11.65 1.01 9.53
N VAL A 333 -12.32 2.16 9.62
CA VAL A 333 -12.34 3.14 8.55
C VAL A 333 -11.99 4.51 9.14
N LEU A 334 -10.87 5.07 8.69
CA LEU A 334 -10.30 6.27 9.29
C LEU A 334 -10.74 7.55 8.59
N GLY A 335 -10.85 8.62 9.37
CA GLY A 335 -11.07 9.96 8.84
C GLY A 335 -11.44 10.96 9.93
N GLN A 336 -11.26 12.24 9.62
CA GLN A 336 -11.50 13.34 10.56
C GLN A 336 -12.22 14.49 9.89
N ARG A 337 -12.64 15.48 10.68
CA ARG A 337 -13.02 16.77 10.14
C ARG A 337 -11.85 17.73 10.26
O10 JX7 B . -1.20 5.34 -3.86
C7 JX7 B . 1.66 10.06 -5.96
C3 JX7 B . -1.84 7.53 -4.66
C4 JX7 B . -0.37 7.92 -4.74
C5 JX7 B . -0.22 9.43 -4.53
C2 JX7 B . -2.08 6.07 -4.29
C1 JX7 B . -3.44 5.57 -4.47
N6 JX7 B . 1.14 9.87 -4.74
N8 JX7 B . 3.02 10.45 -6.11
O11 JX7 B . -4.00 5.00 -3.51
O12 JX7 B . -4.01 5.75 -5.57
N13 JX7 B . 0.94 9.89 -6.98
C1 SIN C . 1.24 -0.76 -7.88
O1 SIN C . 2.05 -1.72 -7.92
O2 SIN C . 0.35 -0.60 -8.75
C2 SIN C . 1.35 0.23 -6.75
C3 SIN C . -0.02 0.69 -6.26
C4 SIN C . 0.13 1.69 -5.12
O3 SIN C . -0.58 1.55 -4.10
O4 SIN C . 0.96 2.63 -5.24
FE FE2 D . 0.66 3.51 -3.24
#